data_4JG4
#
_entry.id   4JG4
#
_cell.length_a   83.152
_cell.length_b   83.152
_cell.length_c   32.236
_cell.angle_alpha   90.00
_cell.angle_beta   90.00
_cell.angle_gamma   120.00
#
_symmetry.space_group_name_H-M   'P 64'
#
loop_
_entity.id
_entity.type
_entity.pdbx_description
1 polymer 'Ribonuclease P protein component'
2 non-polymer PYROPHOSPHATE
3 water water
#
_entity_poly.entity_id   1
_entity_poly.type   'polypeptide(L)'
_entity_poly.pdbx_seq_one_letter_code
;MAHLKKRNRLKKNEDFQKVFKHGTSVANRQFVLYTLDQAENDELRVGLSVSKKIGNAVMRNRIKRLIRQAFLEEKERLKE
KDYIIIARKAASQLTYEETKKSLQHLWRKSSLYKKSSSK
;
_entity_poly.pdbx_strand_id   A
#
loop_
_chem_comp.id
_chem_comp.type
_chem_comp.name
_chem_comp.formula
PPV non-polymer PYROPHOSPHATE 'H4 O7 P2'
#
# COMPACT_ATOMS: atom_id res chain seq x y z
N ALA A 2 -4.77 -14.46 -7.93
CA ALA A 2 -5.32 -14.97 -6.68
C ALA A 2 -5.58 -13.81 -5.71
N HIS A 3 -5.21 -13.98 -4.46
CA HIS A 3 -5.39 -12.95 -3.46
C HIS A 3 -4.05 -12.75 -2.78
N LEU A 4 -3.83 -11.57 -2.22
CA LEU A 4 -2.60 -11.33 -1.49
C LEU A 4 -2.62 -12.16 -0.22
N LYS A 5 -1.54 -12.89 0.01
CA LYS A 5 -1.48 -13.82 1.12
C LYS A 5 -1.38 -13.18 2.49
N LYS A 6 -1.70 -13.96 3.51
CA LYS A 6 -1.68 -13.52 4.89
C LYS A 6 -0.27 -13.12 5.27
N ARG A 7 0.70 -13.78 4.68
CA ARG A 7 2.09 -13.50 4.92
C ARG A 7 2.41 -12.09 4.45
N ASN A 8 1.73 -11.66 3.40
CA ASN A 8 2.03 -10.40 2.75
C ASN A 8 1.17 -9.23 3.23
N ARG A 9 0.47 -9.44 4.34
CA ARG A 9 -0.41 -8.43 4.88
C ARG A 9 0.03 -7.98 6.25
N LEU A 10 -0.20 -6.71 6.55
CA LEU A 10 0.24 -6.13 7.80
C LEU A 10 -0.96 -6.07 8.73
N LYS A 11 -0.83 -6.69 9.89
CA LYS A 11 -1.97 -6.85 10.76
C LYS A 11 -1.91 -6.11 12.09
N LYS A 12 -0.92 -6.44 12.90
CA LYS A 12 -0.87 -5.99 14.29
C LYS A 12 -0.78 -4.48 14.38
N ASN A 13 -1.50 -3.91 15.34
CA ASN A 13 -1.64 -2.48 15.46
C ASN A 13 -0.29 -1.84 15.70
N GLU A 14 0.54 -2.53 16.45
CA GLU A 14 1.87 -2.05 16.74
C GLU A 14 2.68 -1.93 15.47
N ASP A 15 2.48 -2.87 14.56
CA ASP A 15 3.25 -2.87 13.32
C ASP A 15 2.97 -1.61 12.49
N PHE A 16 1.71 -1.19 12.45
CA PHE A 16 1.33 0.04 11.79
C PHE A 16 1.94 1.28 12.42
N GLN A 17 1.87 1.35 13.73
CA GLN A 17 2.34 2.53 14.44
C GLN A 17 3.83 2.72 14.24
N LYS A 18 4.53 1.61 14.21
CA LYS A 18 5.95 1.64 13.99
C LYS A 18 6.28 2.21 12.61
N VAL A 19 5.50 1.84 11.61
CA VAL A 19 5.71 2.36 10.27
C VAL A 19 5.47 3.87 10.21
N PHE A 20 4.38 4.34 10.78
CA PHE A 20 4.10 5.75 10.74
C PHE A 20 5.15 6.56 11.48
N LYS A 21 5.48 6.14 12.68
CA LYS A 21 6.44 6.88 13.51
C LYS A 21 7.89 6.94 13.03
N HIS A 22 8.47 5.80 12.69
CA HIS A 22 9.90 5.75 12.43
C HIS A 22 10.22 5.47 10.94
N GLY A 23 9.25 5.68 10.05
CA GLY A 23 9.39 5.31 8.65
C GLY A 23 9.26 6.40 7.58
N THR A 24 9.83 6.13 6.41
CA THR A 24 9.84 7.05 5.27
C THR A 24 8.53 7.20 4.47
N SER A 25 8.22 8.43 4.08
CA SER A 25 6.94 8.77 3.52
C SER A 25 6.94 9.51 2.19
N VAL A 26 6.00 9.15 1.33
CA VAL A 26 5.75 9.83 0.08
C VAL A 26 4.24 9.96 -0.14
N ALA A 27 3.81 11.01 -0.82
CA ALA A 27 2.40 11.11 -1.18
C ALA A 27 2.14 11.75 -2.52
N ASN A 28 1.10 11.29 -3.19
CA ASN A 28 0.57 11.95 -4.36
C ASN A 28 -0.88 12.35 -4.14
N ARG A 29 -1.58 12.66 -5.22
CA ARG A 29 -2.96 13.09 -5.13
C ARG A 29 -3.92 12.01 -4.57
N GLN A 30 -3.78 10.78 -5.01
CA GLN A 30 -4.68 9.76 -4.54
C GLN A 30 -4.21 8.92 -3.34
N PHE A 31 -2.89 8.83 -3.16
CA PHE A 31 -2.31 7.97 -2.13
C PHE A 31 -1.14 8.57 -1.35
N VAL A 32 -1.00 8.14 -0.10
CA VAL A 32 0.20 8.35 0.67
C VAL A 32 0.84 6.99 0.89
N LEU A 33 2.12 6.86 0.57
CA LEU A 33 2.83 5.62 0.78
C LEU A 33 3.90 5.74 1.86
N TYR A 34 3.82 4.86 2.85
CA TYR A 34 4.80 4.83 3.91
C TYR A 34 5.63 3.57 3.76
N THR A 35 6.94 3.71 3.86
CA THR A 35 7.82 2.56 3.79
C THR A 35 8.67 2.44 5.04
N LEU A 36 8.69 1.27 5.67
CA LEU A 36 9.60 1.03 6.78
C LEU A 36 10.52 -0.13 6.49
N ASP A 37 11.81 0.10 6.60
CA ASP A 37 12.77 -0.94 6.36
C ASP A 37 12.59 -2.03 7.39
N GLN A 38 12.59 -3.27 6.94
CA GLN A 38 12.57 -4.38 7.87
C GLN A 38 13.83 -5.18 7.67
N ALA A 39 14.61 -5.31 8.73
CA ALA A 39 15.79 -6.17 8.69
C ALA A 39 15.37 -7.61 8.51
N GLU A 40 14.31 -7.96 9.22
CA GLU A 40 13.88 -9.32 9.39
C GLU A 40 12.85 -9.75 8.37
N ASN A 41 12.57 -8.87 7.41
CA ASN A 41 11.55 -9.21 6.44
C ASN A 41 12.17 -10.00 5.32
N ASP A 42 11.95 -11.30 5.37
CA ASP A 42 12.27 -12.16 4.25
C ASP A 42 11.13 -11.96 3.19
N GLU A 43 10.08 -11.26 3.60
CA GLU A 43 8.90 -11.02 2.75
C GLU A 43 8.24 -9.62 2.88
N LEU A 44 7.57 -9.19 1.82
CA LEU A 44 6.85 -7.92 1.78
C LEU A 44 5.53 -7.91 2.55
N ARG A 45 5.23 -6.83 3.25
CA ARG A 45 3.95 -6.67 3.95
C ARG A 45 3.19 -5.35 3.71
N VAL A 46 1.91 -5.45 3.37
CA VAL A 46 1.07 -4.30 3.09
C VAL A 46 -0.06 -4.10 4.07
N GLY A 47 -0.18 -2.89 4.57
CA GLY A 47 -1.27 -2.47 5.44
C GLY A 47 -2.00 -1.30 4.84
N LEU A 48 -3.29 -1.22 5.10
CA LEU A 48 -4.11 -0.20 4.47
C LEU A 48 -4.91 0.64 5.44
N SER A 49 -4.97 1.93 5.17
CA SER A 49 -5.84 2.84 5.86
C SER A 49 -6.70 3.61 4.87
N VAL A 50 -8.01 3.49 5.00
CA VAL A 50 -8.90 4.18 4.10
C VAL A 50 -9.77 5.20 4.85
N SER A 51 -9.86 6.41 4.31
CA SER A 51 -10.60 7.49 4.95
C SER A 51 -12.09 7.19 5.07
N LYS A 52 -12.70 7.65 6.14
CA LYS A 52 -14.14 7.51 6.31
C LYS A 52 -14.84 8.44 5.35
N LYS A 53 -14.07 9.35 4.76
CA LYS A 53 -14.60 10.33 3.82
C LYS A 53 -15.22 9.62 2.63
N ILE A 54 -14.65 8.48 2.26
CA ILE A 54 -15.25 7.63 1.27
C ILE A 54 -16.28 6.85 2.05
N GLY A 55 -17.54 7.06 1.74
CA GLY A 55 -18.61 6.63 2.61
C GLY A 55 -19.35 5.36 2.27
N ASN A 56 -18.98 4.69 1.20
CA ASN A 56 -19.60 3.43 0.93
C ASN A 56 -18.63 2.36 1.38
N ALA A 57 -19.10 1.49 2.25
CA ALA A 57 -18.25 0.44 2.77
C ALA A 57 -17.86 -0.38 1.58
N VAL A 58 -18.78 -0.51 0.64
CA VAL A 58 -18.48 -1.22 -0.57
C VAL A 58 -17.37 -0.53 -1.33
N MET A 59 -17.41 0.79 -1.39
CA MET A 59 -16.35 1.54 -2.03
C MET A 59 -14.99 1.48 -1.36
N ARG A 60 -14.97 1.55 -0.04
CA ARG A 60 -13.73 1.43 0.70
C ARG A 60 -13.14 0.06 0.46
N ASN A 61 -13.99 -0.95 0.49
CA ASN A 61 -13.59 -2.31 0.24
C ASN A 61 -13.08 -2.46 -1.18
N ARG A 62 -13.73 -1.79 -2.11
CA ARG A 62 -13.33 -1.86 -3.49
C ARG A 62 -11.93 -1.29 -3.75
N ILE A 63 -11.66 -0.11 -3.21
CA ILE A 63 -10.35 0.52 -3.32
C ILE A 63 -9.30 -0.32 -2.61
N LYS A 64 -9.66 -0.88 -1.47
CA LYS A 64 -8.74 -1.70 -0.71
C LYS A 64 -8.32 -2.90 -1.52
N ARG A 65 -9.27 -3.54 -2.17
CA ARG A 65 -9.01 -4.69 -3.02
C ARG A 65 -8.13 -4.33 -4.22
N LEU A 66 -8.38 -3.19 -4.83
CA LEU A 66 -7.59 -2.74 -5.95
C LEU A 66 -6.12 -2.53 -5.54
N ILE A 67 -5.91 -1.95 -4.37
CA ILE A 67 -4.57 -1.74 -3.84
C ILE A 67 -3.84 -3.08 -3.58
N ARG A 68 -4.54 -4.04 -3.01
CA ARG A 68 -3.96 -5.35 -2.73
C ARG A 68 -3.58 -6.10 -4.00
N GLN A 69 -4.44 -6.03 -5.00
CA GLN A 69 -4.18 -6.64 -6.28
C GLN A 69 -2.98 -6.03 -6.99
N ALA A 70 -2.85 -4.71 -6.89
CA ALA A 70 -1.74 -4.02 -7.48
C ALA A 70 -0.43 -4.46 -6.83
N PHE A 71 -0.42 -4.57 -5.52
CA PHE A 71 0.72 -5.10 -4.80
C PHE A 71 1.00 -6.56 -5.14
N LEU A 72 -0.04 -7.37 -5.26
CA LEU A 72 0.14 -8.77 -5.59
C LEU A 72 0.79 -8.95 -6.94
N GLU A 73 0.38 -8.15 -7.92
CA GLU A 73 0.94 -8.19 -9.25
C GLU A 73 2.42 -7.80 -9.32
N GLU A 74 2.79 -6.78 -8.57
CA GLU A 74 4.11 -6.21 -8.63
C GLU A 74 5.05 -6.79 -7.58
N LYS A 75 4.60 -7.81 -6.88
CA LYS A 75 5.26 -8.24 -5.66
C LYS A 75 6.71 -8.68 -5.87
N GLU A 76 6.95 -9.45 -6.92
CA GLU A 76 8.28 -9.97 -7.19
C GLU A 76 9.24 -8.84 -7.46
N ARG A 77 8.78 -7.84 -8.19
CA ARG A 77 9.58 -6.67 -8.49
C ARG A 77 9.98 -5.81 -7.29
N LEU A 78 9.07 -5.68 -6.32
CA LEU A 78 9.28 -4.82 -5.14
C LEU A 78 10.17 -5.41 -4.04
N LYS A 79 10.90 -4.55 -3.35
CA LYS A 79 11.73 -5.00 -2.22
C LYS A 79 10.88 -5.44 -1.04
N GLU A 80 11.41 -6.34 -0.23
CA GLU A 80 10.64 -6.86 0.89
C GLU A 80 10.74 -5.86 2.01
N LYS A 81 9.62 -5.22 2.28
CA LYS A 81 9.54 -4.16 3.25
C LYS A 81 8.11 -4.06 3.75
N ASP A 82 7.90 -3.23 4.75
CA ASP A 82 6.58 -2.98 5.25
C ASP A 82 6.04 -1.74 4.57
N TYR A 83 4.87 -1.85 3.98
CA TYR A 83 4.19 -0.75 3.32
C TYR A 83 2.86 -0.43 3.97
N ILE A 84 2.59 0.85 4.17
CA ILE A 84 1.27 1.29 4.50
C ILE A 84 0.79 2.23 3.41
N ILE A 85 -0.41 2.01 2.93
CA ILE A 85 -0.99 2.86 1.93
C ILE A 85 -2.18 3.54 2.55
N ILE A 86 -2.22 4.85 2.44
CA ILE A 86 -3.38 5.61 2.85
C ILE A 86 -4.07 6.01 1.57
N ALA A 87 -5.37 5.86 1.53
CA ALA A 87 -6.10 6.24 0.34
C ALA A 87 -6.81 7.53 0.62
N ARG A 88 -6.55 8.52 -0.20
CA ARG A 88 -7.25 9.79 -0.15
C ARG A 88 -8.61 9.66 -0.82
N LYS A 89 -9.44 10.69 -0.67
CA LYS A 89 -10.77 10.72 -1.24
C LYS A 89 -10.71 10.62 -2.74
N ALA A 90 -9.69 11.20 -3.32
CA ALA A 90 -9.49 11.18 -4.77
C ALA A 90 -9.29 9.77 -5.33
N ALA A 91 -8.80 8.86 -4.51
CA ALA A 91 -8.58 7.48 -4.88
C ALA A 91 -9.89 6.70 -5.05
N SER A 92 -10.98 7.30 -4.61
CA SER A 92 -12.28 6.65 -4.47
C SER A 92 -12.90 6.09 -5.75
N GLN A 93 -12.75 6.80 -6.86
CA GLN A 93 -13.38 6.39 -8.12
C GLN A 93 -12.44 5.71 -9.09
N LEU A 94 -11.22 5.44 -8.67
CA LEU A 94 -10.19 4.88 -9.55
C LEU A 94 -10.49 3.48 -10.07
N THR A 95 -10.10 3.26 -11.32
CA THR A 95 -10.02 1.94 -11.90
C THR A 95 -8.75 1.25 -11.41
N TYR A 96 -8.63 -0.05 -11.67
CA TYR A 96 -7.45 -0.78 -11.28
C TYR A 96 -6.19 -0.28 -11.99
N GLU A 97 -6.30 -0.01 -13.28
CA GLU A 97 -5.18 0.51 -14.02
C GLU A 97 -4.77 1.87 -13.50
N GLU A 98 -5.73 2.71 -13.15
CA GLU A 98 -5.41 3.99 -12.53
C GLU A 98 -4.73 3.83 -11.19
N THR A 99 -5.24 2.91 -10.38
CA THR A 99 -4.68 2.66 -9.06
C THR A 99 -3.26 2.13 -9.20
N LYS A 100 -3.07 1.20 -10.11
CA LYS A 100 -1.79 0.57 -10.36
C LYS A 100 -0.79 1.61 -10.83
N LYS A 101 -1.23 2.47 -11.73
CA LYS A 101 -0.40 3.54 -12.23
C LYS A 101 0.00 4.53 -11.14
N SER A 102 -0.95 4.92 -10.30
CA SER A 102 -0.63 5.83 -9.21
C SER A 102 0.36 5.23 -8.20
N LEU A 103 0.14 3.99 -7.83
CA LEU A 103 1.05 3.29 -6.94
C LEU A 103 2.43 3.10 -7.56
N GLN A 104 2.45 2.78 -8.85
CA GLN A 104 3.70 2.55 -9.56
C GLN A 104 4.54 3.82 -9.55
N HIS A 105 3.88 4.96 -9.70
CA HIS A 105 4.55 6.22 -9.63
C HIS A 105 5.15 6.45 -8.26
N LEU A 106 4.40 6.15 -7.21
CA LEU A 106 4.90 6.27 -5.85
C LEU A 106 6.05 5.31 -5.59
N TRP A 107 5.95 4.10 -6.10
CA TRP A 107 6.98 3.09 -5.89
C TRP A 107 8.29 3.53 -6.54
N ARG A 108 8.20 4.09 -7.74
CA ARG A 108 9.36 4.57 -8.47
C ARG A 108 10.04 5.71 -7.72
N LYS A 109 9.23 6.61 -7.20
CA LYS A 109 9.69 7.77 -6.48
C LYS A 109 10.43 7.38 -5.21
N SER A 110 10.01 6.27 -4.62
CA SER A 110 10.56 5.80 -3.37
C SER A 110 11.71 4.81 -3.57
N SER A 111 12.07 4.56 -4.81
CA SER A 111 13.15 3.61 -5.11
C SER A 111 12.91 2.22 -4.53
N LEU A 112 11.71 1.70 -4.72
CA LEU A 112 11.31 0.45 -4.12
C LEU A 112 11.39 -0.73 -5.06
N TYR A 113 12.00 -0.50 -6.21
CA TYR A 113 12.08 -1.54 -7.23
C TYR A 113 13.42 -2.26 -7.24
N LYS A 114 13.39 -3.56 -7.12
CA LYS A 114 14.58 -4.34 -7.41
C LYS A 114 14.63 -4.47 -8.92
N LYS A 115 15.74 -4.92 -9.48
CA LYS A 115 16.95 -5.23 -8.73
C LYS A 115 18.14 -4.46 -9.27
O11 PPV B . -10.52 -9.86 -0.40
P1 PPV B . -9.30 -10.45 0.28
O21 PPV B . -8.74 -9.59 1.40
O31 PPV B . -9.42 -11.91 0.62
OPP PPV B . -8.16 -10.39 -0.85
P2 PPV B . -8.25 -9.32 -2.04
O12 PPV B . -9.20 -9.95 -3.04
O22 PPV B . -6.83 -9.20 -2.54
O32 PPV B . -8.78 -8.07 -1.38
O11 PPV C . -7.71 11.73 2.97
P1 PPV C . -8.96 12.39 2.48
O21 PPV C . -10.00 11.42 1.99
O31 PPV C . -9.52 13.45 3.39
OPP PPV C . -8.45 13.18 1.20
P2 PPV C . -7.23 14.14 1.42
O12 PPV C . -7.05 14.90 0.15
O22 PPV C . -6.08 13.25 1.75
O32 PPV C . -7.68 15.00 2.55
O11 PPV D . -14.84 -1.97 11.48
P1 PPV D . -13.96 -1.63 10.31
O21 PPV D . -13.00 -0.48 10.53
O31 PPV D . -13.37 -2.80 9.58
OPP PPV D . -14.99 -1.02 9.26
P2 PPV D . -14.46 -0.91 7.77
O12 PPV D . -15.47 -0.04 7.10
O22 PPV D . -14.45 -2.34 7.31
O32 PPV D . -13.09 -0.32 7.99
#